data_1VR7
#
_entry.id   1VR7
#
_cell.length_a   105.298
_cell.length_b   105.298
_cell.length_c   69.427
_cell.angle_alpha   90.00
_cell.angle_beta   90.00
_cell.angle_gamma   120.00
#
_symmetry.space_group_name_H-M   'H 3'
#
loop_
_entity.id
_entity.type
_entity.pdbx_description
1 polymer 'S-adenosylmethionine decarboxylase proenzyme'
2 non-polymer 1,2-ETHANEDIOL
3 water water
#
_entity_poly.entity_id   1
_entity_poly.type   'polypeptide(L)'
_entity_poly.pdbx_seq_one_letter_code
;(MSE)GSDKIHHHHHH(MSE)KSLGRHLVAEFYECDREVLDNVQLIEQE(MSE)KQAAYESGATIVTSTFHRFLPYGVSG
VVVISESHLTIHTWPEYGYAAIDLFTCGEDVDPWKAFEHLKKALKAKRVHVVEHERGRYDEIGIPEDSPHKAAV
;
_entity_poly.pdbx_strand_id   A,B
#
# COMPACT_ATOMS: atom_id res chain seq x y z
N LYS A 14 -12.60 -15.89 -3.05
CA LYS A 14 -11.51 -16.86 -3.11
C LYS A 14 -10.10 -16.44 -2.79
N SER A 15 -9.99 -15.39 -2.01
CA SER A 15 -8.72 -14.85 -1.54
C SER A 15 -9.00 -14.10 -0.27
N LEU A 16 -7.95 -13.88 0.52
CA LEU A 16 -8.06 -13.11 1.74
C LEU A 16 -8.37 -11.67 1.45
N GLY A 17 -7.88 -11.08 0.40
CA GLY A 17 -8.18 -9.69 0.09
C GLY A 17 -8.18 -9.47 -1.39
N ARG A 18 -8.67 -8.27 -1.71
CA ARG A 18 -8.76 -7.73 -3.05
C ARG A 18 -8.02 -6.41 -3.06
N HIS A 19 -7.20 -6.20 -4.04
CA HIS A 19 -6.31 -5.03 -4.06
C HIS A 19 -6.29 -4.37 -5.44
N LEU A 20 -6.76 -3.13 -5.45
CA LEU A 20 -6.77 -2.33 -6.67
C LEU A 20 -5.51 -1.45 -6.69
N VAL A 21 -4.70 -1.61 -7.72
CA VAL A 21 -3.53 -0.80 -7.95
C VAL A 21 -3.86 0.15 -9.06
N ALA A 22 -4.09 1.42 -8.76
CA ALA A 22 -4.73 2.35 -9.67
C ALA A 22 -3.83 3.52 -10.02
N GLU A 23 -3.81 3.84 -11.29
CA GLU A 23 -3.21 5.03 -11.84
C GLU A 23 -4.35 6.00 -12.20
N PHE A 24 -4.35 7.18 -11.60
CA PHE A 24 -5.31 8.22 -11.94
C PHE A 24 -4.57 9.34 -12.68
N TYR A 25 -5.05 9.65 -13.88
CA TYR A 25 -4.48 10.69 -14.71
C TYR A 25 -5.40 11.84 -14.99
N GLU A 26 -4.77 12.99 -15.20
CA GLU A 26 -5.44 14.24 -15.54
C GLU A 26 -6.44 14.62 -14.48
N CYS A 27 -6.02 14.51 -13.21
CA CYS A 27 -6.84 14.91 -12.07
C CYS A 27 -6.82 16.42 -11.86
N ASP A 28 -7.75 16.88 -11.01
CA ASP A 28 -7.72 18.29 -10.60
C ASP A 28 -6.50 18.53 -9.72
N ARG A 29 -5.61 19.36 -10.26
CA ARG A 29 -4.29 19.54 -9.65
C ARG A 29 -4.38 20.30 -8.34
N GLU A 30 -5.43 21.12 -8.20
CA GLU A 30 -5.56 21.80 -6.90
C GLU A 30 -6.01 20.80 -5.86
N VAL A 31 -6.90 19.86 -6.18
CA VAL A 31 -7.26 18.81 -5.25
C VAL A 31 -6.05 17.97 -4.83
N LEU A 32 -5.24 17.61 -5.81
CA LEU A 32 -4.08 16.77 -5.58
C LEU A 32 -3.10 17.40 -4.60
N ASP A 33 -3.14 18.73 -4.49
CA ASP A 33 -2.19 19.39 -3.59
C ASP A 33 -2.83 19.87 -2.31
N ASN A 34 -4.03 19.42 -1.99
CA ASN A 34 -4.80 19.89 -0.85
C ASN A 34 -4.87 18.77 0.19
N VAL A 35 -4.01 18.87 1.21
CA VAL A 35 -3.89 17.77 2.14
C VAL A 35 -5.14 17.54 2.97
N GLN A 36 -5.82 18.63 3.35
CA GLN A 36 -7.05 18.53 4.13
C GLN A 36 -8.13 17.83 3.32
N LEU A 37 -8.26 18.21 2.06
CA LEU A 37 -9.29 17.65 1.21
C LEU A 37 -8.99 16.21 0.85
N ILE A 38 -7.74 15.88 0.56
CA ILE A 38 -7.36 14.49 0.32
C ILE A 38 -7.67 13.62 1.54
N GLU A 39 -7.31 14.05 2.75
CA GLU A 39 -7.68 13.30 3.94
C GLU A 39 -9.20 13.08 4.01
N GLN A 40 -10.01 14.16 3.85
CA GLN A 40 -11.45 13.99 3.91
C GLN A 40 -11.95 12.98 2.89
N GLU A 41 -11.43 13.07 1.69
CA GLU A 41 -11.94 12.24 0.57
C GLU A 41 -11.48 10.80 0.72
N LYS A 43 -10.92 9.34 3.71
CA LYS A 43 -11.79 8.80 4.75
C LYS A 43 -13.17 8.49 4.22
N GLN A 44 -13.72 9.41 3.38
CA GLN A 44 -15.02 9.13 2.73
C GLN A 44 -14.97 7.86 1.90
N ALA A 45 -13.89 7.66 1.15
CA ALA A 45 -13.73 6.49 0.33
C ALA A 45 -13.73 5.23 1.20
N ALA A 46 -13.05 5.24 2.34
CA ALA A 46 -13.11 4.10 3.25
C ALA A 46 -14.54 3.84 3.69
N TYR A 47 -15.26 4.90 4.09
CA TYR A 47 -16.67 4.74 4.50
C TYR A 47 -17.47 4.09 3.37
N GLU A 48 -17.30 4.56 2.16
CA GLU A 48 -18.08 4.02 1.01
C GLU A 48 -17.82 2.54 0.78
N SER A 49 -16.56 2.14 1.03
CA SER A 49 -16.22 0.75 0.87
C SER A 49 -16.79 -0.17 1.95
N GLY A 50 -17.15 0.41 3.08
CA GLY A 50 -17.60 -0.41 4.21
C GLY A 50 -16.51 -0.80 5.16
N ALA A 51 -15.30 -0.31 4.94
CA ALA A 51 -14.14 -0.66 5.78
C ALA A 51 -14.18 0.08 7.11
N THR A 52 -13.54 -0.53 8.09
CA THR A 52 -13.33 0.04 9.39
C THR A 52 -11.95 0.69 9.41
N ILE A 53 -11.88 1.96 9.81
CA ILE A 53 -10.63 2.69 9.89
C ILE A 53 -9.91 2.37 11.19
N VAL A 54 -8.66 2.04 11.12
CA VAL A 54 -7.81 1.85 12.26
C VAL A 54 -7.01 3.09 12.58
N THR A 55 -6.35 3.65 11.59
CA THR A 55 -5.67 4.93 11.74
C THR A 55 -5.55 5.58 10.40
N SER A 56 -5.26 6.86 10.35
CA SER A 56 -5.12 7.66 9.16
C SER A 56 -3.98 8.64 9.33
N THR A 57 -3.18 8.79 8.31
CA THR A 57 -2.05 9.74 8.40
C THR A 57 -1.81 10.36 7.04
N PHE A 58 -1.78 11.68 7.01
CA PHE A 58 -1.67 12.47 5.78
C PHE A 58 -0.53 13.46 5.90
N HIS A 59 0.28 13.62 4.87
CA HIS A 59 1.48 14.42 4.86
C HIS A 59 1.52 15.23 3.58
N ARG A 60 1.91 16.49 3.62
CA ARG A 60 2.21 17.30 2.45
C ARG A 60 3.58 17.87 2.56
N PHE A 61 4.48 17.51 1.69
CA PHE A 61 5.84 17.92 2.07
C PHE A 61 6.72 18.22 0.88
N LEU A 62 7.17 19.41 0.75
N LEU A 62 6.93 19.47 0.60
CA LEU A 62 8.29 20.03 0.09
CA LEU A 62 7.66 20.33 -0.32
C LEU A 62 7.92 21.52 0.25
C LEU A 62 7.81 19.99 -1.78
N PRO A 63 6.69 21.90 -0.06
N PRO A 63 7.71 20.95 -2.71
CA PRO A 63 5.64 21.35 -0.91
CA PRO A 63 6.94 22.19 -2.68
C PRO A 63 5.94 21.25 -2.41
C PRO A 63 5.47 21.88 -3.01
N TYR A 64 5.15 20.60 -3.21
CA TYR A 64 3.82 20.08 -3.38
C TYR A 64 3.77 18.57 -3.16
N GLY A 65 2.59 18.02 -3.34
CA GLY A 65 2.43 16.57 -3.30
C GLY A 65 1.96 16.12 -1.93
N VAL A 66 1.01 15.25 -1.92
CA VAL A 66 0.36 14.69 -0.75
C VAL A 66 0.57 13.20 -0.69
N SER A 67 0.86 12.66 0.46
CA SER A 67 0.84 11.21 0.71
C SER A 67 -0.15 11.00 1.84
N GLY A 68 -0.98 9.97 1.69
CA GLY A 68 -1.93 9.61 2.71
C GLY A 68 -2.12 8.13 2.79
N VAL A 69 -2.30 7.64 3.99
CA VAL A 69 -2.67 6.27 4.27
C VAL A 69 -3.85 6.20 5.24
N VAL A 70 -4.84 5.40 4.90
CA VAL A 70 -5.89 4.99 5.80
C VAL A 70 -5.64 3.49 6.04
N VAL A 71 -5.15 3.12 7.21
CA VAL A 71 -5.01 1.76 7.64
C VAL A 71 -6.38 1.26 8.00
N ILE A 72 -6.83 0.18 7.42
CA ILE A 72 -8.13 -0.41 7.75
C ILE A 72 -7.91 -1.75 8.40
N SER A 73 -8.91 -2.51 8.76
CA SER A 73 -8.79 -3.62 9.68
C SER A 73 -7.53 -4.51 9.61
N GLU A 74 -7.25 -4.99 8.42
CA GLU A 74 -6.09 -5.84 8.14
C GLU A 74 -5.50 -5.51 6.80
N SER A 75 -5.61 -4.26 6.33
CA SER A 75 -5.05 -3.82 5.07
C SER A 75 -5.08 -2.31 4.97
N HIS A 76 -5.05 -1.73 3.78
CA HIS A 76 -4.83 -0.30 3.66
C HIS A 76 -5.43 0.31 2.40
N LEU A 77 -5.71 1.59 2.48
CA LEU A 77 -6.00 2.48 1.36
C LEU A 77 -4.91 3.54 1.33
N THR A 78 -4.21 3.80 0.22
CA THR A 78 -3.15 4.79 0.13
C THR A 78 -3.31 5.66 -1.10
N ILE A 79 -2.75 6.86 -1.02
CA ILE A 79 -2.68 7.78 -2.12
C ILE A 79 -1.38 8.54 -2.05
N HIS A 80 -0.71 8.69 -3.19
CA HIS A 80 0.44 9.54 -3.33
C HIS A 80 0.24 10.39 -4.58
N THR A 81 0.27 11.72 -4.43
CA THR A 81 -0.05 12.60 -5.55
C THR A 81 1.18 13.34 -6.08
N TRP A 82 1.10 13.65 -7.37
CA TRP A 82 2.08 14.43 -8.12
C TRP A 82 1.29 15.55 -8.82
N PRO A 83 1.00 16.62 -8.08
CA PRO A 83 0.17 17.71 -8.67
C PRO A 83 0.72 18.22 -9.99
N GLU A 84 2.06 18.25 -10.12
CA GLU A 84 2.68 18.85 -11.29
C GLU A 84 2.45 18.04 -12.56
N TYR A 85 2.01 16.80 -12.35
CA TYR A 85 1.66 15.91 -13.45
C TYR A 85 0.17 15.58 -13.55
N GLY A 86 -0.66 16.04 -12.65
CA GLY A 86 -2.06 15.62 -12.59
C GLY A 86 -2.27 14.17 -12.27
N TYR A 87 -1.31 13.49 -11.67
CA TYR A 87 -1.28 12.05 -11.46
C TYR A 87 -1.40 11.72 -10.01
N ALA A 88 -2.11 10.63 -9.70
CA ALA A 88 -2.13 10.08 -8.35
C ALA A 88 -1.99 8.55 -8.45
N ALA A 89 -1.18 8.00 -7.55
CA ALA A 89 -1.00 6.58 -7.34
C ALA A 89 -1.88 6.14 -6.21
N ILE A 90 -2.88 5.34 -6.48
CA ILE A 90 -3.85 4.94 -5.48
C ILE A 90 -3.81 3.46 -5.29
N ASP A 91 -3.84 2.97 -4.06
CA ASP A 91 -3.91 1.55 -3.77
C ASP A 91 -5.10 1.34 -2.82
N LEU A 92 -5.97 0.38 -3.14
CA LEU A 92 -7.16 0.10 -2.37
C LEU A 92 -7.17 -1.42 -2.06
N PHE A 93 -6.70 -1.78 -0.88
CA PHE A 93 -6.54 -3.18 -0.51
C PHE A 93 -7.53 -3.43 0.62
N THR A 94 -8.57 -4.24 0.34
CA THR A 94 -9.56 -4.54 1.33
C THR A 94 -9.64 -6.05 1.56
N CYS A 95 -10.14 -6.48 2.68
CA CYS A 95 -10.30 -7.88 3.04
C CYS A 95 -11.71 -8.21 3.52
N GLY A 96 -12.14 -9.41 3.22
CA GLY A 96 -13.51 -9.70 3.62
C GLY A 96 -14.64 -9.23 2.72
N GLU A 97 -15.66 -10.06 2.74
CA GLU A 97 -16.66 -10.05 1.70
C GLU A 97 -17.60 -8.88 1.75
N ASP A 98 -17.69 -8.16 2.88
CA ASP A 98 -18.61 -7.05 2.70
C ASP A 98 -17.88 -5.72 2.60
N VAL A 99 -16.61 -5.76 2.25
CA VAL A 99 -15.91 -4.50 1.96
C VAL A 99 -15.58 -4.50 0.46
N ASP A 100 -15.96 -3.42 -0.21
CA ASP A 100 -15.86 -3.37 -1.66
C ASP A 100 -14.92 -2.26 -2.11
N PRO A 101 -13.73 -2.57 -2.55
CA PRO A 101 -12.73 -1.51 -2.85
C PRO A 101 -13.22 -0.67 -4.05
N TRP A 102 -14.11 -1.24 -4.89
CA TRP A 102 -14.58 -0.47 -6.04
C TRP A 102 -15.43 0.72 -5.62
N LYS A 103 -16.03 0.71 -4.45
CA LYS A 103 -16.79 1.87 -3.98
C LYS A 103 -15.85 2.97 -3.56
N ALA A 104 -14.70 2.62 -3.01
CA ALA A 104 -13.64 3.59 -2.73
C ALA A 104 -13.13 4.21 -4.02
N PHE A 105 -12.84 3.35 -5.00
CA PHE A 105 -12.43 3.80 -6.31
C PHE A 105 -13.36 4.84 -6.85
N GLU A 106 -14.67 4.52 -6.83
CA GLU A 106 -15.67 5.42 -7.42
C GLU A 106 -15.67 6.77 -6.74
N HIS A 107 -15.60 6.73 -5.41
CA HIS A 107 -15.55 7.99 -4.71
C HIS A 107 -14.38 8.85 -5.07
N LEU A 108 -13.20 8.23 -5.12
CA LEU A 108 -11.98 8.96 -5.40
C LEU A 108 -11.92 9.41 -6.83
N LYS A 109 -12.42 8.62 -7.77
CA LYS A 109 -12.45 9.03 -9.18
C LYS A 109 -13.21 10.35 -9.29
N LYS A 110 -14.36 10.40 -8.59
CA LYS A 110 -15.21 11.58 -8.58
C LYS A 110 -14.51 12.77 -7.92
N ALA A 111 -13.95 12.52 -6.74
CA ALA A 111 -13.36 13.58 -5.95
C ALA A 111 -12.16 14.24 -6.62
N LEU A 112 -11.35 13.41 -7.30
CA LEU A 112 -10.12 13.86 -7.92
C LEU A 112 -10.33 14.30 -9.36
N LYS A 113 -11.48 14.03 -9.92
CA LYS A 113 -11.82 14.43 -11.27
C LYS A 113 -10.84 13.85 -12.31
N ALA A 114 -10.48 12.57 -12.07
CA ALA A 114 -9.61 11.86 -13.01
C ALA A 114 -10.28 11.66 -14.34
N LYS A 115 -9.59 11.95 -15.42
CA LYS A 115 -10.15 11.77 -16.76
C LYS A 115 -9.79 10.45 -17.39
N ARG A 116 -8.81 9.76 -16.84
CA ARG A 116 -8.33 8.50 -17.36
C ARG A 116 -7.77 7.69 -16.19
N VAL A 117 -8.05 6.38 -16.19
CA VAL A 117 -7.58 5.52 -15.11
C VAL A 117 -7.12 4.22 -15.69
N HIS A 118 -6.15 3.62 -15.01
CA HIS A 118 -5.72 2.26 -15.23
C HIS A 118 -5.72 1.54 -13.89
N VAL A 119 -6.35 0.38 -13.81
CA VAL A 119 -6.49 -0.37 -12.55
C VAL A 119 -6.18 -1.84 -12.76
N VAL A 120 -5.29 -2.36 -11.93
CA VAL A 120 -5.05 -3.79 -11.80
C VAL A 120 -5.73 -4.29 -10.54
N GLU A 121 -6.48 -5.35 -10.62
CA GLU A 121 -7.04 -5.95 -9.41
C GLU A 121 -6.28 -7.24 -9.09
N HIS A 122 -5.54 -7.24 -8.00
CA HIS A 122 -4.90 -8.44 -7.48
C HIS A 122 -5.77 -9.13 -6.45
N GLU A 123 -5.67 -10.46 -6.42
CA GLU A 123 -6.16 -11.32 -5.35
C GLU A 123 -5.01 -11.51 -4.37
N ARG A 124 -5.07 -10.98 -3.19
CA ARG A 124 -4.02 -11.16 -2.22
C ARG A 124 -4.38 -12.34 -1.33
N GLY A 125 -3.45 -13.26 -1.20
CA GLY A 125 -3.77 -14.45 -0.39
C GLY A 125 -4.81 -15.36 -0.99
N ARG A 126 -4.63 -15.79 -2.23
CA ARG A 126 -5.54 -16.72 -2.85
C ARG A 126 -5.65 -18.01 -2.04
N TYR A 127 -6.88 -18.48 -1.93
CA TYR A 127 -7.07 -19.69 -1.09
C TYR A 127 -6.31 -20.84 -1.69
N ASP A 128 -6.28 -20.94 -3.02
CA ASP A 128 -5.61 -22.13 -3.61
C ASP A 128 -4.10 -22.06 -3.45
N GLU A 129 -3.56 -20.90 -3.18
CA GLU A 129 -2.12 -20.71 -3.07
C GLU A 129 -1.65 -20.92 -1.65
N ILE A 130 -2.55 -20.57 -0.76
CA ILE A 130 -2.17 -20.69 0.62
C ILE A 130 -2.42 -22.14 1.05
N GLY A 131 -3.41 -22.77 0.41
CA GLY A 131 -3.86 -24.08 0.84
C GLY A 131 -5.14 -24.05 1.66
N ILE A 132 -6.04 -23.11 1.44
CA ILE A 132 -7.32 -23.05 2.13
C ILE A 132 -8.43 -23.62 1.28
N PRO A 133 -9.28 -24.44 1.87
CA PRO A 133 -10.44 -24.95 1.15
C PRO A 133 -11.43 -23.81 0.86
N LYS B 14 11.76 4.60 -16.06
CA LYS B 14 10.79 4.96 -17.05
C LYS B 14 9.48 5.41 -16.41
N SER B 15 9.56 5.58 -15.10
CA SER B 15 8.36 5.91 -14.30
C SER B 15 8.76 6.60 -13.02
N LEU B 16 7.76 7.27 -12.40
CA LEU B 16 7.98 7.94 -11.13
C LEU B 16 8.42 6.97 -10.04
N GLY B 17 7.85 5.78 -10.04
CA GLY B 17 8.16 4.79 -9.01
C GLY B 17 8.10 3.37 -9.50
N ARG B 18 8.61 2.50 -8.61
CA ARG B 18 8.68 1.08 -8.80
C ARG B 18 7.90 0.45 -7.67
N HIS B 19 7.02 -0.50 -7.91
CA HIS B 19 6.16 -1.07 -6.87
C HIS B 19 6.14 -2.58 -6.96
N LEU B 20 6.67 -3.22 -5.93
CA LEU B 20 6.68 -4.66 -5.78
C LEU B 20 5.45 -5.08 -4.98
N VAL B 21 4.66 -5.94 -5.57
CA VAL B 21 3.50 -6.55 -4.92
C VAL B 21 3.90 -8.00 -4.68
N ALA B 22 4.06 -8.35 -3.40
CA ALA B 22 4.67 -9.61 -3.02
C ALA B 22 3.73 -10.45 -2.14
N GLU B 23 3.66 -11.72 -2.46
CA GLU B 23 3.00 -12.77 -1.73
C GLU B 23 4.09 -13.60 -1.05
N PHE B 24 4.10 -13.68 0.25
CA PHE B 24 5.04 -14.45 1.01
C PHE B 24 4.28 -15.61 1.69
N TYR B 25 4.72 -16.81 1.37
CA TYR B 25 4.08 -18.05 1.84
C TYR B 25 4.98 -18.87 2.75
N GLU B 26 4.37 -19.64 3.64
CA GLU B 26 5.10 -20.57 4.50
C GLU B 26 6.17 -19.80 5.29
N CYS B 27 5.79 -18.70 5.92
CA CYS B 27 6.66 -17.89 6.74
C CYS B 27 6.72 -18.41 8.18
N ASP B 28 7.65 -17.88 8.97
CA ASP B 28 7.71 -18.22 10.40
C ASP B 28 6.51 -17.56 11.06
N ARG B 29 5.55 -18.36 11.59
CA ARG B 29 4.30 -17.83 12.09
C ARG B 29 4.47 -17.05 13.38
N GLU B 30 5.50 -17.39 14.16
CA GLU B 30 5.76 -16.59 15.34
C GLU B 30 6.18 -15.19 14.92
N VAL B 31 7.08 -15.07 13.97
CA VAL B 31 7.46 -13.77 13.49
C VAL B 31 6.26 -13.01 12.93
N LEU B 32 5.41 -13.69 12.18
CA LEU B 32 4.25 -13.00 11.57
C LEU B 32 3.32 -12.41 12.63
N ASP B 33 3.31 -13.00 13.84
CA ASP B 33 2.41 -12.52 14.89
C ASP B 33 3.11 -11.65 15.89
N ASN B 34 4.31 -11.20 15.62
CA ASN B 34 5.12 -10.41 16.56
C ASN B 34 5.13 -8.96 16.10
N VAL B 35 4.24 -8.12 16.68
CA VAL B 35 4.07 -6.77 16.17
C VAL B 35 5.34 -5.96 16.31
N GLN B 36 6.12 -6.11 17.39
CA GLN B 36 7.35 -5.36 17.58
C GLN B 36 8.41 -5.77 16.59
N LEU B 37 8.56 -7.07 16.40
CA LEU B 37 9.61 -7.50 15.47
C LEU B 37 9.31 -7.09 14.02
N ILE B 38 8.03 -7.24 13.67
CA ILE B 38 7.65 -6.90 12.29
C ILE B 38 7.96 -5.44 12.07
N GLU B 39 7.64 -4.59 13.06
CA GLU B 39 7.92 -3.17 12.87
C GLU B 39 9.39 -2.87 12.73
N GLN B 40 10.18 -3.53 13.56
CA GLN B 40 11.63 -3.41 13.47
C GLN B 40 12.15 -3.86 12.10
N GLU B 41 11.69 -4.99 11.62
CA GLU B 41 12.22 -5.53 10.35
C GLU B 41 11.78 -4.67 9.19
N LYS B 43 11.32 -1.41 9.34
CA LYS B 43 12.17 -0.21 9.32
C LYS B 43 13.57 -0.52 8.80
N GLN B 44 14.08 -1.72 9.12
CA GLN B 44 15.39 -2.10 8.58
C GLN B 44 15.29 -2.32 7.06
N ALA B 45 14.17 -2.94 6.62
CA ALA B 45 13.96 -3.07 5.19
C ALA B 45 14.03 -1.72 4.50
N ALA B 46 13.34 -0.72 5.04
CA ALA B 46 13.39 0.61 4.50
C ALA B 46 14.81 1.15 4.49
N TYR B 47 15.54 0.95 5.56
CA TYR B 47 16.95 1.41 5.56
C TYR B 47 17.72 0.74 4.45
N GLU B 48 17.57 -0.57 4.30
CA GLU B 48 18.35 -1.31 3.27
C GLU B 48 18.08 -0.77 1.88
N SER B 49 16.86 -0.35 1.56
CA SER B 49 16.45 0.15 0.26
C SER B 49 17.03 1.51 0.00
N GLY B 50 17.46 2.28 0.99
CA GLY B 50 17.93 3.64 0.74
C GLY B 50 16.85 4.68 1.05
N ALA B 51 15.65 4.24 1.44
CA ALA B 51 14.56 5.15 1.61
C ALA B 51 14.68 5.92 2.93
N THR B 52 13.96 7.03 2.92
CA THR B 52 13.83 7.83 4.14
C THR B 52 12.44 7.66 4.76
N ILE B 53 12.34 7.34 6.05
CA ILE B 53 11.06 7.10 6.65
C ILE B 53 10.44 8.37 7.19
N VAL B 54 9.23 8.64 6.79
CA VAL B 54 8.50 9.81 7.25
C VAL B 54 7.72 9.45 8.49
N THR B 55 7.00 8.37 8.47
CA THR B 55 6.26 7.91 9.63
C THR B 55 6.02 6.41 9.47
N SER B 56 5.68 5.72 10.52
CA SER B 56 5.36 4.31 10.51
C SER B 56 4.28 4.03 11.53
N THR B 57 3.41 3.10 11.24
CA THR B 57 2.35 2.74 12.14
C THR B 57 1.97 1.30 11.99
N PHE B 58 2.06 0.56 13.05
CA PHE B 58 1.87 -0.88 13.16
C PHE B 58 0.84 -1.24 14.22
N HIS B 59 -0.01 -2.18 13.94
CA HIS B 59 -1.15 -2.61 14.70
C HIS B 59 -1.24 -4.13 14.74
N ARG B 60 -1.69 -4.71 15.84
CA ARG B 60 -1.99 -6.07 16.18
C ARG B 60 -3.45 -6.27 15.76
N PHE B 61 -3.64 -7.22 14.86
CA PHE B 61 -5.06 -7.53 14.57
C PHE B 61 -5.37 -8.61 15.60
N LEU B 62 -6.61 -8.78 16.00
CA LEU B 62 -6.91 -9.80 17.00
C LEU B 62 -7.85 -10.79 16.33
N PRO B 63 -7.70 -12.08 16.56
CA PRO B 63 -6.75 -12.60 17.52
C PRO B 63 -5.29 -12.67 17.08
N TYR B 64 -5.01 -12.80 15.78
CA TYR B 64 -3.67 -12.95 15.29
C TYR B 64 -3.53 -12.00 14.09
N GLY B 65 -2.32 -11.52 13.91
CA GLY B 65 -2.06 -10.81 12.66
C GLY B 65 -1.49 -9.45 12.98
N VAL B 66 -0.60 -9.00 12.13
CA VAL B 66 0.07 -7.73 12.23
C VAL B 66 -0.15 -6.94 10.95
N SER B 67 -0.45 -5.64 11.02
CA SER B 67 -0.57 -4.75 9.88
C SER B 67 0.27 -3.53 10.10
N GLY B 68 0.97 -3.09 9.07
CA GLY B 68 1.83 -1.94 9.23
C GLY B 68 2.08 -1.24 7.92
N VAL B 69 2.29 0.05 8.06
CA VAL B 69 2.66 0.91 6.95
C VAL B 69 3.84 1.77 7.36
N VAL B 70 4.82 1.82 6.47
CA VAL B 70 5.96 2.72 6.57
C VAL B 70 5.81 3.74 5.43
N VAL B 71 5.53 5.00 5.69
CA VAL B 71 5.46 6.06 4.76
C VAL B 71 6.85 6.58 4.48
N ILE B 72 7.24 6.61 3.21
CA ILE B 72 8.55 7.12 2.81
C ILE B 72 8.35 8.40 2.00
N SER B 73 9.35 8.96 1.34
CA SER B 73 9.32 10.30 0.80
C SER B 73 8.06 10.63 -0.03
N GLU B 74 7.71 9.71 -0.94
CA GLU B 74 6.63 9.93 -1.88
C GLU B 74 5.81 8.70 -2.03
N SER B 75 5.97 7.67 -1.18
CA SER B 75 5.27 6.40 -1.38
C SER B 75 5.32 5.56 -0.12
N HIS B 76 5.32 4.23 -0.15
CA HIS B 76 5.13 3.46 1.06
C HIS B 76 5.68 2.05 0.99
N LEU B 77 5.91 1.44 2.13
CA LEU B 77 6.11 0.02 2.33
C LEU B 77 5.00 -0.50 3.25
N THR B 78 4.35 -1.59 2.94
CA THR B 78 3.29 -2.14 3.78
C THR B 78 3.44 -3.63 3.96
N ILE B 79 2.89 -4.14 5.06
CA ILE B 79 2.82 -5.56 5.34
C ILE B 79 1.55 -5.87 6.10
N HIS B 80 0.89 -6.93 5.73
CA HIS B 80 -0.31 -7.42 6.42
C HIS B 80 -0.11 -8.93 6.58
N THR B 81 -0.12 -9.44 7.80
CA THR B 81 0.16 -10.84 8.03
C THR B 81 -1.06 -11.62 8.51
N TRP B 82 -1.04 -12.90 8.14
CA TRP B 82 -2.01 -13.93 8.52
C TRP B 82 -1.23 -15.09 9.11
N PRO B 83 -0.90 -14.96 10.40
CA PRO B 83 -0.05 -16.00 11.05
C PRO B 83 -0.64 -17.40 10.91
N GLU B 84 -1.95 -17.51 11.01
CA GLU B 84 -2.62 -18.78 10.94
C GLU B 84 -2.45 -19.49 9.61
N TYR B 85 -2.04 -18.71 8.58
CA TYR B 85 -1.84 -19.32 7.27
C TYR B 85 -0.41 -19.23 6.80
N GLY B 86 0.45 -18.68 7.67
CA GLY B 86 1.82 -18.53 7.24
C GLY B 86 2.08 -17.52 6.14
N TYR B 87 1.14 -16.62 5.94
CA TYR B 87 1.08 -15.78 4.76
C TYR B 87 1.28 -14.33 5.15
N ALA B 88 2.02 -13.56 4.33
CA ALA B 88 2.09 -12.11 4.39
C ALA B 88 1.94 -11.49 3.02
N ALA B 89 1.14 -10.42 2.99
CA ALA B 89 0.95 -9.52 1.86
C ALA B 89 1.88 -8.33 2.02
N ILE B 90 2.87 -8.20 1.16
CA ILE B 90 3.87 -7.14 1.26
C ILE B 90 3.82 -6.27 0.03
N ASP B 91 3.94 -4.96 0.21
CA ASP B 91 4.03 -3.99 -0.89
C ASP B 91 5.22 -3.07 -0.65
N LEU B 92 6.04 -2.91 -1.67
CA LEU B 92 7.24 -2.11 -1.56
C LEU B 92 7.24 -1.12 -2.70
N PHE B 93 6.78 0.11 -2.49
CA PHE B 93 6.58 1.11 -3.53
C PHE B 93 7.60 2.22 -3.24
N THR B 94 8.59 2.37 -4.07
CA THR B 94 9.64 3.34 -3.91
C THR B 94 9.76 4.22 -5.11
N CYS B 95 10.26 5.43 -4.91
CA CYS B 95 10.46 6.42 -5.98
C CYS B 95 11.88 6.91 -6.06
N GLY B 96 12.38 7.17 -7.25
CA GLY B 96 13.77 7.64 -7.23
C GLY B 96 14.88 6.64 -7.40
N GLU B 97 15.85 7.01 -8.24
CA GLU B 97 16.96 6.20 -8.67
C GLU B 97 17.77 5.67 -7.51
N ASP B 98 17.74 6.38 -6.41
CA ASP B 98 18.47 6.18 -5.18
C ASP B 98 17.95 5.06 -4.31
N VAL B 99 16.79 4.54 -4.67
CA VAL B 99 16.06 3.70 -3.74
C VAL B 99 15.67 2.42 -4.48
N ASP B 100 16.04 1.30 -3.81
CA ASP B 100 15.89 0.00 -4.44
C ASP B 100 14.99 -0.93 -3.67
N PRO B 101 13.77 -1.12 -4.15
CA PRO B 101 12.79 -1.86 -3.35
C PRO B 101 13.18 -3.34 -3.23
N TRP B 102 13.98 -3.85 -4.13
CA TRP B 102 14.42 -5.27 -4.03
C TRP B 102 15.29 -5.50 -2.81
N LYS B 103 15.98 -4.45 -2.33
CA LYS B 103 16.78 -4.58 -1.08
C LYS B 103 15.86 -4.75 0.12
N ALA B 104 14.69 -4.13 0.12
CA ALA B 104 13.71 -4.31 1.17
C ALA B 104 13.13 -5.70 1.09
N PHE B 105 12.85 -6.15 -0.14
CA PHE B 105 12.34 -7.50 -0.38
C PHE B 105 13.26 -8.53 0.28
N GLU B 106 14.55 -8.41 -0.06
CA GLU B 106 15.50 -9.42 0.36
C GLU B 106 15.52 -9.45 1.88
N HIS B 107 15.57 -8.29 2.54
CA HIS B 107 15.60 -8.26 4.01
C HIS B 107 14.38 -8.96 4.59
N LEU B 108 13.20 -8.63 4.06
CA LEU B 108 11.98 -9.21 4.60
C LEU B 108 11.88 -10.71 4.32
N LYS B 109 12.34 -11.11 3.13
CA LYS B 109 12.36 -12.57 2.85
C LYS B 109 13.11 -13.29 3.96
N LYS B 110 14.26 -12.75 4.30
CA LYS B 110 15.11 -13.42 5.28
C LYS B 110 14.55 -13.25 6.67
N ALA B 111 13.97 -12.11 7.01
CA ALA B 111 13.40 -11.87 8.34
C ALA B 111 12.18 -12.73 8.63
N LEU B 112 11.38 -13.01 7.61
CA LEU B 112 10.13 -13.76 7.76
C LEU B 112 10.31 -15.24 7.49
N LYS B 113 11.41 -15.66 6.88
CA LYS B 113 11.73 -17.03 6.59
C LYS B 113 10.71 -17.62 5.64
N ALA B 114 10.24 -16.82 4.67
CA ALA B 114 9.27 -17.37 3.69
C ALA B 114 9.91 -18.48 2.87
N LYS B 115 9.19 -19.56 2.64
CA LYS B 115 9.66 -20.66 1.85
C LYS B 115 9.26 -20.53 0.39
N ARG B 116 8.33 -19.61 0.09
CA ARG B 116 7.87 -19.46 -1.29
C ARG B 116 7.42 -18.02 -1.42
N VAL B 117 7.81 -17.36 -2.51
CA VAL B 117 7.42 -15.98 -2.74
C VAL B 117 7.01 -15.85 -4.20
N HIS B 118 6.08 -14.91 -4.40
CA HIS B 118 5.69 -14.46 -5.73
C HIS B 118 5.74 -12.92 -5.73
N VAL B 119 6.43 -12.32 -6.66
CA VAL B 119 6.57 -10.86 -6.70
C VAL B 119 6.30 -10.36 -8.11
N VAL B 120 5.46 -9.34 -8.24
CA VAL B 120 5.26 -8.64 -9.50
C VAL B 120 5.80 -7.22 -9.30
N GLU B 121 6.54 -6.69 -10.26
CA GLU B 121 7.00 -5.32 -10.28
C GLU B 121 6.18 -4.49 -11.26
N HIS B 122 5.48 -3.52 -10.71
CA HIS B 122 4.70 -2.54 -11.44
C HIS B 122 5.53 -1.25 -11.56
N GLU B 123 5.35 -0.55 -12.67
CA GLU B 123 5.69 0.84 -12.83
C GLU B 123 4.54 1.71 -12.30
N ARG B 124 4.78 2.69 -11.48
CA ARG B 124 3.80 3.69 -11.07
C ARG B 124 4.19 5.01 -11.68
N GLY B 125 3.26 5.62 -12.40
CA GLY B 125 3.54 6.92 -13.06
C GLY B 125 4.50 6.78 -14.24
N ARG B 126 4.17 5.96 -15.21
CA ARG B 126 5.06 5.87 -16.36
C ARG B 126 5.20 7.22 -17.03
N TYR B 127 6.44 7.53 -17.42
CA TYR B 127 6.73 8.82 -18.04
C TYR B 127 5.89 9.00 -19.29
N ASP B 128 5.66 7.96 -20.06
CA ASP B 128 4.94 8.06 -21.32
C ASP B 128 3.42 8.15 -21.08
N GLU B 129 2.99 8.10 -19.81
CA GLU B 129 1.56 8.28 -19.55
C GLU B 129 1.20 9.60 -18.85
N ILE B 130 2.14 10.20 -18.15
CA ILE B 130 1.86 11.33 -17.26
C ILE B 130 2.13 12.72 -17.84
#